data_5Y84
#
_entry.id   5Y84
#
_cell.length_a   46.311
_cell.length_b   54.810
_cell.length_c   77.087
_cell.angle_alpha   105.42
_cell.angle_beta   106.24
_cell.angle_gamma   98.68
#
_symmetry.space_group_name_H-M   'P 1'
#
loop_
_entity.id
_entity.type
_entity.pdbx_description
1 polymer AmbP3
2 non-polymer 'Hapalindole U'
3 non-polymer 'DIMETHYLALLYL S-THIOLODIPHOSPHATE'
4 water water
#
_entity_poly.entity_id   1
_entity_poly.type   'polypeptide(L)'
_entity_poly.pdbx_seq_one_letter_code
;MTIVNRIRTDVVNVAKSFGAEYSEAVIDQIFQGFGEKFTNTGFAIRVQNKRNQKVDCNIRYGEAKENCLAWDIARESGLL
SDQGHPVDTLIQEMFQAIPAIAYGADFDINYGLVKIWHLPKIVPVEEAFKIPSLPKSVNAHIDFFKKYHLDALCALTVDY
RNKSTNLYFDAHHPEQRTTQFYKNILQSQQFEVPSDEVLEILVNCPEIAVTFNWSSPGIERMCFYTAFVNRETVPQHINP
VLKKFAQEAPALLDNPGFLVGWSFGPDAKKGTYIKIDVDYHGLVVPSFFHMHNLPLPIPEANSVFDLPSSDTEDKLNSIV
MSKLAAALEHHHHHH
;
_entity_poly.pdbx_strand_id   A,B
#
# COMPACT_ATOMS: atom_id res chain seq x y z
N THR A 2 -12.91 -39.90 -0.08
CA THR A 2 -12.47 -38.90 -1.04
C THR A 2 -12.49 -37.52 -0.47
N ILE A 3 -11.77 -36.61 -1.11
CA ILE A 3 -11.83 -35.22 -0.70
C ILE A 3 -13.23 -34.67 -0.90
N VAL A 4 -13.84 -34.96 -2.05
CA VAL A 4 -15.12 -34.34 -2.38
C VAL A 4 -16.19 -34.75 -1.36
N ASN A 5 -16.14 -36.01 -0.91
CA ASN A 5 -17.09 -36.51 0.09
C ASN A 5 -16.81 -35.88 1.46
N ARG A 6 -15.54 -35.71 1.81
CA ARG A 6 -15.18 -35.01 3.04
C ARG A 6 -15.66 -33.57 3.04
N ILE A 7 -15.45 -32.86 1.92
CA ILE A 7 -15.98 -31.52 1.75
C ILE A 7 -17.49 -31.48 1.93
N ARG A 8 -18.23 -32.35 1.21
CA ARG A 8 -19.68 -32.33 1.31
CA ARG A 8 -19.68 -32.32 1.32
C ARG A 8 -20.14 -32.58 2.74
N THR A 9 -19.47 -33.51 3.44
CA THR A 9 -19.79 -33.80 4.83
C THR A 9 -19.53 -32.60 5.74
N ASP A 10 -18.36 -31.97 5.58
CA ASP A 10 -18.03 -30.79 6.38
C ASP A 10 -19.02 -29.66 6.13
N VAL A 11 -19.47 -29.51 4.89
CA VAL A 11 -20.41 -28.45 4.55
C VAL A 11 -21.74 -28.69 5.26
N VAL A 12 -22.27 -29.92 5.15
CA VAL A 12 -23.52 -30.24 5.85
C VAL A 12 -23.35 -30.05 7.35
N ASN A 13 -22.21 -30.47 7.90
CA ASN A 13 -22.02 -30.37 9.34
C ASN A 13 -21.93 -28.93 9.80
N VAL A 14 -21.30 -28.07 9.00
CA VAL A 14 -21.34 -26.64 9.29
C VAL A 14 -22.79 -26.16 9.30
N ALA A 15 -23.55 -26.51 8.27
CA ALA A 15 -24.94 -26.03 8.23
C ALA A 15 -25.74 -26.51 9.44
N LYS A 16 -25.55 -27.76 9.84
CA LYS A 16 -26.27 -28.26 11.01
C LYS A 16 -25.80 -27.56 12.28
N SER A 17 -24.48 -27.41 12.46
CA SER A 17 -23.98 -26.81 13.69
C SER A 17 -24.43 -25.38 13.84
N PHE A 18 -24.48 -24.63 12.76
CA PHE A 18 -24.90 -23.23 12.83
C PHE A 18 -26.39 -23.03 12.58
N GLY A 19 -27.16 -24.13 12.48
CA GLY A 19 -28.58 -23.99 12.24
C GLY A 19 -28.94 -23.32 10.93
N ALA A 20 -28.02 -23.27 9.98
CA ALA A 20 -28.29 -22.65 8.68
C ALA A 20 -29.34 -23.42 7.89
N GLU A 21 -30.26 -22.69 7.27
CA GLU A 21 -31.17 -23.29 6.31
C GLU A 21 -30.38 -23.92 5.18
N TYR A 22 -30.80 -25.11 4.73
CA TYR A 22 -30.10 -25.71 3.59
C TYR A 22 -30.99 -26.76 2.94
N SER A 23 -30.68 -27.06 1.68
CA SER A 23 -31.41 -28.06 0.91
C SER A 23 -30.48 -29.16 0.44
N GLU A 24 -30.78 -30.41 0.83
CA GLU A 24 -29.98 -31.53 0.36
C GLU A 24 -30.03 -31.67 -1.15
N ALA A 25 -31.17 -31.37 -1.77
CA ALA A 25 -31.26 -31.42 -3.23
C ALA A 25 -30.39 -30.35 -3.88
N VAL A 26 -30.40 -29.14 -3.30
CA VAL A 26 -29.53 -28.08 -3.81
C VAL A 26 -28.06 -28.47 -3.66
N ILE A 27 -27.69 -29.01 -2.49
CA ILE A 27 -26.31 -29.44 -2.30
C ILE A 27 -25.95 -30.49 -3.34
N ASP A 28 -26.86 -31.42 -3.62
CA ASP A 28 -26.61 -32.40 -4.66
C ASP A 28 -26.36 -31.74 -6.01
N GLN A 29 -27.19 -30.75 -6.38
CA GLN A 29 -26.98 -30.07 -7.66
C GLN A 29 -25.61 -29.41 -7.71
N ILE A 30 -25.26 -28.70 -6.63
CA ILE A 30 -24.02 -27.95 -6.60
C ILE A 30 -22.85 -28.89 -6.73
N PHE A 31 -22.87 -30.01 -6.00
CA PHE A 31 -21.72 -30.88 -6.02
C PHE A 31 -21.64 -31.66 -7.33
N GLN A 32 -22.79 -32.06 -7.88
CA GLN A 32 -22.76 -32.65 -9.22
C GLN A 32 -22.05 -31.72 -10.19
N GLY A 33 -22.35 -30.43 -10.11
CA GLY A 33 -21.69 -29.47 -10.99
C GLY A 33 -20.25 -29.15 -10.65
N PHE A 34 -19.96 -28.92 -9.36
CA PHE A 34 -18.74 -28.23 -8.94
C PHE A 34 -17.91 -28.94 -7.87
N GLY A 35 -18.32 -30.13 -7.40
CA GLY A 35 -17.61 -30.76 -6.28
C GLY A 35 -16.13 -31.00 -6.55
N GLU A 36 -15.80 -31.38 -7.79
CA GLU A 36 -14.41 -31.55 -8.19
C GLU A 36 -13.63 -30.25 -8.11
N LYS A 37 -14.22 -29.17 -8.64
CA LYS A 37 -13.66 -27.84 -8.48
C LYS A 37 -13.38 -27.54 -7.02
N PHE A 38 -14.32 -27.91 -6.13
CA PHE A 38 -14.11 -27.68 -4.70
C PHE A 38 -12.92 -28.45 -4.17
N THR A 39 -12.63 -29.60 -4.76
CA THR A 39 -11.50 -30.36 -4.22
C THR A 39 -10.16 -29.75 -4.65
N ASN A 40 -10.13 -29.08 -5.80
CA ASN A 40 -8.86 -28.75 -6.45
C ASN A 40 -8.45 -27.28 -6.41
N THR A 41 -9.28 -26.36 -5.94
CA THR A 41 -9.03 -24.93 -6.16
C THR A 41 -9.16 -24.19 -4.83
N GLY A 42 -9.30 -22.86 -4.93
CA GLY A 42 -9.45 -22.00 -3.77
C GLY A 42 -10.86 -22.04 -3.16
N PHE A 43 -11.14 -23.11 -2.42
CA PHE A 43 -12.46 -23.35 -1.86
C PHE A 43 -12.55 -22.78 -0.44
N ALA A 44 -13.75 -22.29 -0.09
CA ALA A 44 -14.01 -21.75 1.24
C ALA A 44 -15.46 -22.04 1.62
N ILE A 45 -15.67 -22.24 2.92
CA ILE A 45 -16.99 -22.30 3.52
C ILE A 45 -17.22 -21.02 4.29
N ARG A 46 -18.35 -20.36 4.04
CA ARG A 46 -18.68 -19.11 4.68
C ARG A 46 -19.93 -19.26 5.53
N VAL A 47 -19.90 -18.66 6.72
CA VAL A 47 -21.13 -18.38 7.45
C VAL A 47 -21.26 -16.87 7.58
N GLN A 48 -22.49 -16.38 7.60
CA GLN A 48 -22.72 -14.96 7.82
C GLN A 48 -23.99 -14.81 8.65
N ASN A 49 -24.13 -13.63 9.28
CA ASN A 49 -25.31 -13.37 10.09
C ASN A 49 -26.11 -12.20 9.55
N LYS A 50 -26.38 -12.18 8.24
CA LYS A 50 -27.16 -11.10 7.66
C LYS A 50 -28.54 -11.00 8.33
N ARG A 51 -29.33 -12.07 8.26
CA ARG A 51 -30.69 -12.03 8.75
C ARG A 51 -30.72 -12.11 10.28
N ASN A 52 -31.90 -11.81 10.85
CA ASN A 52 -32.03 -11.63 12.29
C ASN A 52 -32.06 -12.98 13.00
N GLN A 53 -31.10 -13.19 13.91
CA GLN A 53 -30.98 -14.43 14.69
C GLN A 53 -30.93 -15.66 13.79
N LYS A 54 -30.20 -15.55 12.67
CA LYS A 54 -30.10 -16.65 11.72
C LYS A 54 -28.75 -16.57 11.00
N VAL A 55 -28.08 -17.71 10.88
CA VAL A 55 -26.82 -17.83 10.17
C VAL A 55 -27.09 -18.48 8.82
N ASP A 56 -26.53 -17.89 7.77
CA ASP A 56 -26.58 -18.47 6.43
C ASP A 56 -25.22 -19.04 6.06
N CYS A 57 -25.23 -20.09 5.25
CA CYS A 57 -24.02 -20.77 4.84
C CYS A 57 -23.89 -20.74 3.33
N ASN A 58 -22.78 -20.20 2.85
CA ASN A 58 -22.38 -20.19 1.45
C ASN A 58 -21.11 -21.02 1.27
N ILE A 59 -20.95 -21.64 0.11
CA ILE A 59 -19.69 -22.29 -0.21
C ILE A 59 -19.22 -21.70 -1.53
N ARG A 60 -17.90 -21.57 -1.68
CA ARG A 60 -17.40 -20.76 -2.79
C ARG A 60 -16.03 -21.27 -3.22
N TYR A 61 -15.65 -20.91 -4.43
CA TYR A 61 -14.29 -21.24 -4.85
C TYR A 61 -13.83 -20.25 -5.91
N GLY A 62 -12.51 -20.11 -6.01
CA GLY A 62 -11.91 -19.40 -7.13
C GLY A 62 -10.71 -20.15 -7.64
N GLU A 63 -10.46 -20.01 -8.93
CA GLU A 63 -9.25 -20.55 -9.53
C GLU A 63 -8.73 -19.61 -10.61
N ALA A 64 -7.42 -19.69 -10.83
CA ALA A 64 -6.72 -18.81 -11.76
C ALA A 64 -6.88 -19.39 -13.16
N LYS A 65 -8.06 -19.17 -13.72
CA LYS A 65 -8.32 -19.38 -15.13
C LYS A 65 -8.65 -18.03 -15.76
N GLU A 66 -8.33 -17.89 -17.04
CA GLU A 66 -8.61 -16.65 -17.75
C GLU A 66 -10.05 -16.54 -18.20
N ASN A 67 -10.74 -17.66 -18.35
CA ASN A 67 -12.12 -17.70 -18.80
C ASN A 67 -13.03 -18.12 -17.66
N CYS A 68 -14.30 -17.76 -17.78
CA CYS A 68 -15.26 -17.93 -16.71
C CYS A 68 -15.87 -19.33 -16.78
N LEU A 69 -15.09 -20.32 -16.32
CA LEU A 69 -15.51 -21.71 -16.41
C LEU A 69 -16.78 -21.97 -15.60
N ALA A 70 -16.95 -21.29 -14.47
CA ALA A 70 -18.16 -21.50 -13.66
C ALA A 70 -19.42 -21.11 -14.42
N TRP A 71 -19.35 -20.08 -15.27
CA TRP A 71 -20.53 -19.68 -16.02
C TRP A 71 -20.93 -20.79 -16.99
N ASP A 72 -19.96 -21.35 -17.70
CA ASP A 72 -20.24 -22.46 -18.60
C ASP A 72 -20.78 -23.66 -17.84
N ILE A 73 -20.14 -24.05 -16.73
CA ILE A 73 -20.60 -25.21 -15.96
C ILE A 73 -22.02 -24.99 -15.45
N ALA A 74 -22.31 -23.79 -14.95
CA ALA A 74 -23.63 -23.57 -14.36
C ALA A 74 -24.71 -23.50 -15.44
N ARG A 75 -24.42 -22.83 -16.56
CA ARG A 75 -25.39 -22.78 -17.65
C ARG A 75 -25.67 -24.19 -18.18
N GLU A 76 -24.62 -24.93 -18.50
CA GLU A 76 -24.82 -26.29 -18.99
C GLU A 76 -25.48 -27.19 -17.96
N SER A 77 -25.31 -26.90 -16.67
CA SER A 77 -25.81 -27.76 -15.61
C SER A 77 -27.24 -27.43 -15.19
N GLY A 78 -27.76 -26.28 -15.59
CA GLY A 78 -29.03 -25.80 -15.09
C GLY A 78 -28.93 -25.02 -13.80
N LEU A 79 -27.76 -24.98 -13.17
CA LEU A 79 -27.61 -24.18 -11.95
C LEU A 79 -27.72 -22.68 -12.24
N LEU A 80 -27.56 -22.26 -13.49
CA LEU A 80 -27.77 -20.86 -13.87
C LEU A 80 -28.72 -20.82 -15.05
N SER A 81 -29.90 -20.24 -14.82
CA SER A 81 -30.87 -20.09 -15.89
C SER A 81 -31.08 -18.60 -16.18
N ASP A 82 -31.78 -18.34 -17.29
CA ASP A 82 -32.06 -16.97 -17.68
C ASP A 82 -32.82 -16.27 -16.56
N GLN A 83 -32.47 -15.00 -16.31
CA GLN A 83 -33.11 -14.24 -15.26
C GLN A 83 -34.14 -13.23 -15.79
N GLY A 84 -34.17 -12.99 -17.10
CA GLY A 84 -34.96 -11.88 -17.65
C GLY A 84 -34.55 -10.54 -17.07
N HIS A 85 -33.24 -10.29 -17.03
CA HIS A 85 -32.73 -9.21 -16.21
C HIS A 85 -31.36 -8.80 -16.73
N PRO A 86 -30.93 -7.56 -16.50
CA PRO A 86 -29.57 -7.17 -16.91
C PRO A 86 -28.43 -8.05 -16.40
N VAL A 87 -28.63 -8.85 -15.35
CA VAL A 87 -27.56 -9.76 -14.93
C VAL A 87 -27.30 -10.84 -15.98
N ASP A 88 -28.26 -11.05 -16.90
CA ASP A 88 -28.18 -12.19 -17.81
C ASP A 88 -26.89 -12.20 -18.62
N THR A 89 -26.43 -11.03 -19.06
CA THR A 89 -25.20 -10.98 -19.84
C THR A 89 -24.05 -10.30 -19.10
N LEU A 90 -24.25 -9.88 -17.84
CA LEU A 90 -23.28 -8.99 -17.22
C LEU A 90 -21.92 -9.66 -17.07
N ILE A 91 -21.90 -10.91 -16.58
CA ILE A 91 -20.64 -11.65 -16.47
C ILE A 91 -19.92 -11.69 -17.81
N GLN A 92 -20.66 -12.03 -18.88
CA GLN A 92 -20.04 -12.14 -20.18
C GLN A 92 -19.40 -10.80 -20.55
N GLU A 93 -20.14 -9.71 -20.32
CA GLU A 93 -19.62 -8.39 -20.63
C GLU A 93 -18.31 -8.15 -19.90
N MET A 94 -18.29 -8.51 -18.61
CA MET A 94 -17.10 -8.32 -17.80
C MET A 94 -15.92 -9.04 -18.42
N PHE A 95 -16.10 -10.31 -18.78
CA PHE A 95 -14.94 -11.03 -19.30
C PHE A 95 -14.57 -10.52 -20.68
N GLN A 96 -15.54 -9.99 -21.42
CA GLN A 96 -15.19 -9.41 -22.71
C GLN A 96 -14.48 -8.07 -22.52
N ALA A 97 -14.80 -7.33 -21.46
CA ALA A 97 -14.31 -5.96 -21.40
C ALA A 97 -12.97 -5.83 -20.69
N ILE A 98 -12.66 -6.74 -19.76
CA ILE A 98 -11.44 -6.67 -18.96
C ILE A 98 -10.80 -8.06 -18.90
N PRO A 99 -9.50 -8.18 -19.19
CA PRO A 99 -8.85 -9.50 -19.11
C PRO A 99 -8.92 -10.04 -17.68
N ALA A 100 -9.15 -11.33 -17.56
CA ALA A 100 -9.28 -12.00 -16.26
C ALA A 100 -8.04 -12.84 -15.99
N ILE A 101 -7.50 -12.75 -14.77
CA ILE A 101 -6.51 -13.70 -14.31
C ILE A 101 -7.11 -14.78 -13.42
N ALA A 102 -8.37 -14.67 -13.04
CA ALA A 102 -9.02 -15.67 -12.20
C ALA A 102 -10.52 -15.48 -12.29
N TYR A 103 -11.26 -16.51 -11.88
CA TYR A 103 -12.71 -16.42 -11.70
C TYR A 103 -13.06 -17.19 -10.44
N GLY A 104 -14.32 -17.08 -10.03
CA GLY A 104 -14.84 -17.92 -8.96
C GLY A 104 -16.36 -17.87 -8.96
N ALA A 105 -16.94 -18.58 -7.99
CA ALA A 105 -18.38 -18.67 -7.92
C ALA A 105 -18.78 -19.01 -6.48
N ASP A 106 -20.00 -18.61 -6.13
CA ASP A 106 -20.50 -18.63 -4.77
C ASP A 106 -21.89 -19.26 -4.81
N PHE A 107 -22.19 -20.08 -3.80
CA PHE A 107 -23.41 -20.89 -3.76
C PHE A 107 -24.01 -20.80 -2.37
N ASP A 108 -25.28 -20.41 -2.29
CA ASP A 108 -26.02 -20.58 -1.05
CA ASP A 108 -26.05 -20.57 -1.07
C ASP A 108 -26.58 -21.99 -1.03
N ILE A 109 -26.32 -22.73 0.05
CA ILE A 109 -26.70 -24.13 0.09
C ILE A 109 -28.19 -24.34 0.31
N ASN A 110 -28.95 -23.27 0.48
CA ASN A 110 -30.41 -23.32 0.48
C ASN A 110 -31.00 -22.90 -0.87
N TYR A 111 -30.18 -22.69 -1.89
CA TYR A 111 -30.67 -22.01 -3.08
C TYR A 111 -30.02 -22.53 -4.35
N GLY A 112 -28.69 -22.44 -4.44
CA GLY A 112 -27.93 -22.77 -5.62
C GLY A 112 -26.86 -21.72 -5.85
N LEU A 113 -26.43 -21.61 -7.10
CA LEU A 113 -25.50 -20.56 -7.50
C LEU A 113 -26.07 -19.18 -7.22
N VAL A 114 -25.30 -18.37 -6.50
CA VAL A 114 -25.69 -17.00 -6.15
C VAL A 114 -24.90 -15.97 -6.97
N LYS A 115 -23.57 -16.10 -7.00
CA LYS A 115 -22.69 -15.12 -7.62
C LYS A 115 -21.64 -15.80 -8.48
N ILE A 116 -21.19 -15.06 -9.48
CA ILE A 116 -19.95 -15.40 -10.19
C ILE A 116 -19.08 -14.16 -10.15
N TRP A 117 -17.76 -14.36 -10.07
CA TRP A 117 -16.87 -13.21 -10.07
C TRP A 117 -15.76 -13.30 -11.11
N HIS A 118 -15.20 -12.10 -11.31
CA HIS A 118 -14.20 -11.78 -12.31
C HIS A 118 -13.04 -11.14 -11.56
N LEU A 119 -11.86 -11.75 -11.66
CA LEU A 119 -10.64 -11.19 -11.06
C LEU A 119 -9.66 -10.81 -12.16
N PRO A 120 -9.54 -9.56 -12.48
CA PRO A 120 -8.48 -9.14 -13.42
C PRO A 120 -7.20 -8.87 -12.67
N LYS A 121 -6.15 -8.45 -13.36
CA LYS A 121 -5.09 -7.73 -12.68
C LYS A 121 -5.67 -6.40 -12.25
N ILE A 122 -5.16 -5.86 -11.15
CA ILE A 122 -5.64 -4.56 -10.67
C ILE A 122 -5.60 -3.54 -11.80
N VAL A 123 -6.75 -2.99 -12.15
CA VAL A 123 -6.84 -2.04 -13.26
C VAL A 123 -7.55 -0.79 -12.75
N PRO A 124 -7.42 0.33 -13.46
CA PRO A 124 -8.19 1.53 -13.09
C PRO A 124 -9.68 1.25 -13.19
N VAL A 125 -10.43 1.79 -12.23
CA VAL A 125 -11.85 1.54 -12.15
C VAL A 125 -12.59 2.05 -13.38
N GLU A 126 -12.01 3.02 -14.10
CA GLU A 126 -12.62 3.51 -15.33
C GLU A 126 -12.88 2.40 -16.33
N GLU A 127 -12.05 1.36 -16.32
CA GLU A 127 -12.25 0.27 -17.26
C GLU A 127 -13.58 -0.43 -17.05
N ALA A 128 -14.19 -0.25 -15.89
CA ALA A 128 -15.50 -0.84 -15.65
C ALA A 128 -16.61 -0.05 -16.35
N PHE A 129 -16.43 1.27 -16.56
CA PHE A 129 -17.56 2.08 -17.01
C PHE A 129 -18.02 1.69 -18.41
N LYS A 130 -17.20 0.96 -19.15
CA LYS A 130 -17.56 0.50 -20.49
C LYS A 130 -18.23 -0.87 -20.48
N ILE A 131 -18.75 -1.32 -19.35
CA ILE A 131 -19.52 -2.54 -19.30
C ILE A 131 -20.99 -2.16 -19.43
N PRO A 132 -21.68 -2.53 -20.49
CA PRO A 132 -23.02 -1.96 -20.75
C PRO A 132 -24.05 -2.22 -19.66
N SER A 133 -24.19 -3.47 -19.21
CA SER A 133 -25.31 -3.86 -18.36
C SER A 133 -25.13 -3.46 -16.91
N LEU A 134 -24.06 -2.74 -16.58
CA LEU A 134 -23.87 -2.29 -15.21
C LEU A 134 -25.04 -1.39 -14.80
N PRO A 135 -25.50 -1.46 -13.56
CA PRO A 135 -26.50 -0.49 -13.11
C PRO A 135 -25.96 0.92 -13.30
N LYS A 136 -26.88 1.86 -13.56
CA LYS A 136 -26.46 3.22 -13.89
C LYS A 136 -25.80 3.90 -12.71
N SER A 137 -26.18 3.51 -11.48
CA SER A 137 -25.62 4.09 -10.28
C SER A 137 -24.10 3.93 -10.21
N VAL A 138 -23.55 2.96 -10.93
CA VAL A 138 -22.11 2.72 -10.88
C VAL A 138 -21.37 3.88 -11.53
N ASN A 139 -21.66 4.15 -12.81
CA ASN A 139 -21.03 5.29 -13.46
C ASN A 139 -21.47 6.60 -12.81
N ALA A 140 -22.61 6.60 -12.13
CA ALA A 140 -22.96 7.82 -11.40
C ALA A 140 -22.12 8.02 -10.14
N HIS A 141 -21.41 6.99 -9.67
CA HIS A 141 -20.58 7.17 -8.47
C HIS A 141 -19.11 7.44 -8.81
N ILE A 142 -18.81 8.00 -9.98
CA ILE A 142 -17.43 8.30 -10.36
C ILE A 142 -16.76 9.21 -9.33
N ASP A 143 -17.40 10.31 -8.96
CA ASP A 143 -16.78 11.23 -8.01
C ASP A 143 -16.64 10.60 -6.65
N PHE A 144 -17.59 9.71 -6.30
CA PHE A 144 -17.47 8.95 -5.07
C PHE A 144 -16.20 8.11 -5.06
N PHE A 145 -15.98 7.31 -6.11
CA PHE A 145 -14.81 6.46 -6.17
C PHE A 145 -13.53 7.28 -6.09
N LYS A 146 -13.47 8.37 -6.87
CA LYS A 146 -12.29 9.23 -6.83
C LYS A 146 -12.04 9.73 -5.40
N LYS A 147 -13.06 10.30 -4.76
CA LYS A 147 -12.87 10.92 -3.45
C LYS A 147 -12.35 9.93 -2.41
N TYR A 148 -12.84 8.70 -2.44
CA TYR A 148 -12.48 7.72 -1.42
C TYR A 148 -11.38 6.77 -1.91
N HIS A 149 -10.63 7.18 -2.92
CA HIS A 149 -9.45 6.44 -3.38
C HIS A 149 -9.83 5.02 -3.78
N LEU A 150 -11.01 4.89 -4.38
CA LEU A 150 -11.49 3.65 -4.98
C LEU A 150 -11.17 3.68 -6.47
N ASP A 151 -9.87 3.66 -6.76
CA ASP A 151 -9.36 3.79 -8.12
C ASP A 151 -8.78 2.50 -8.67
N ALA A 152 -8.45 1.54 -7.81
CA ALA A 152 -7.71 0.34 -8.20
C ALA A 152 -8.62 -0.88 -8.06
N LEU A 153 -9.33 -1.18 -9.16
CA LEU A 153 -10.35 -2.22 -9.19
C LEU A 153 -9.71 -3.60 -9.26
N CYS A 154 -9.96 -4.42 -8.25
CA CYS A 154 -9.36 -5.74 -8.17
C CYS A 154 -10.37 -6.86 -8.37
N ALA A 155 -11.66 -6.58 -8.36
CA ALA A 155 -12.58 -7.65 -8.71
C ALA A 155 -13.94 -7.06 -9.05
N LEU A 156 -14.76 -7.88 -9.71
CA LEU A 156 -16.17 -7.60 -9.97
C LEU A 156 -16.98 -8.86 -9.69
N THR A 157 -18.18 -8.71 -9.12
CA THR A 157 -19.07 -9.85 -8.94
C THR A 157 -20.47 -9.53 -9.45
N VAL A 158 -21.13 -10.56 -9.97
CA VAL A 158 -22.52 -10.54 -10.39
C VAL A 158 -23.30 -11.45 -9.45
N ASP A 159 -24.30 -10.88 -8.76
CA ASP A 159 -25.19 -11.56 -7.83
C ASP A 159 -26.53 -11.75 -8.53
N TYR A 160 -26.73 -12.95 -9.06
CA TYR A 160 -27.95 -13.28 -9.78
C TYR A 160 -29.16 -13.37 -8.86
N ARG A 161 -28.97 -13.72 -7.59
CA ARG A 161 -30.10 -13.84 -6.68
C ARG A 161 -30.51 -12.50 -6.12
N ASN A 162 -29.54 -11.70 -5.69
CA ASN A 162 -29.84 -10.41 -5.12
C ASN A 162 -30.09 -9.36 -6.20
N LYS A 163 -29.82 -9.69 -7.45
CA LYS A 163 -29.86 -8.75 -8.55
C LYS A 163 -29.00 -7.54 -8.24
N SER A 164 -27.72 -7.82 -8.02
CA SER A 164 -26.80 -6.75 -7.66
C SER A 164 -25.42 -7.04 -8.24
N THR A 165 -24.57 -6.03 -8.24
CA THR A 165 -23.19 -6.23 -8.63
C THR A 165 -22.27 -5.52 -7.66
N ASN A 166 -21.09 -6.11 -7.43
CA ASN A 166 -20.07 -5.53 -6.56
C ASN A 166 -18.85 -5.13 -7.37
N LEU A 167 -18.30 -3.97 -7.04
CA LEU A 167 -16.96 -3.58 -7.47
C LEU A 167 -16.03 -3.70 -6.26
N TYR A 168 -14.86 -4.30 -6.48
CA TYR A 168 -13.89 -4.52 -5.41
C TYR A 168 -12.62 -3.74 -5.73
N PHE A 169 -12.12 -3.04 -4.72
CA PHE A 169 -10.96 -2.15 -4.82
C PHE A 169 -9.85 -2.59 -3.86
N ASP A 170 -8.63 -2.61 -4.38
CA ASP A 170 -7.43 -2.68 -3.56
C ASP A 170 -7.35 -1.44 -2.68
N ALA A 171 -7.35 -1.63 -1.36
CA ALA A 171 -7.33 -0.49 -0.45
C ALA A 171 -5.88 -0.10 -0.13
N HIS A 172 -5.22 0.43 -1.17
CA HIS A 172 -3.79 0.77 -1.15
C HIS A 172 -3.47 2.16 -0.60
N HIS A 173 -4.45 3.05 -0.49
CA HIS A 173 -4.16 4.46 -0.28
C HIS A 173 -3.90 4.74 1.20
N PRO A 174 -2.93 5.62 1.51
CA PRO A 174 -2.62 5.93 2.91
C PRO A 174 -3.80 6.42 3.72
N GLU A 175 -4.76 7.13 3.11
CA GLU A 175 -5.90 7.59 3.90
C GLU A 175 -6.74 6.41 4.39
N GLN A 176 -6.77 5.33 3.62
CA GLN A 176 -7.43 4.09 4.01
C GLN A 176 -6.72 3.37 5.16
N ARG A 177 -5.58 3.91 5.63
CA ARG A 177 -4.92 3.44 6.84
C ARG A 177 -5.36 4.20 8.10
N THR A 178 -6.34 5.10 7.99
CA THR A 178 -6.88 5.87 9.11
C THR A 178 -8.34 5.47 9.37
N THR A 179 -8.73 5.52 10.65
CA THR A 179 -10.11 5.19 11.01
C THR A 179 -11.07 6.28 10.52
N GLN A 180 -10.59 7.52 10.42
CA GLN A 180 -11.45 8.59 9.94
C GLN A 180 -11.90 8.32 8.52
N PHE A 181 -11.08 7.62 7.73
CA PHE A 181 -11.52 7.25 6.38
C PHE A 181 -12.81 6.41 6.45
N TYR A 182 -12.84 5.43 7.35
CA TYR A 182 -13.98 4.51 7.36
C TYR A 182 -15.21 5.19 7.96
N LYS A 183 -15.01 5.99 9.02
CA LYS A 183 -16.11 6.80 9.51
C LYS A 183 -16.65 7.72 8.43
N ASN A 184 -15.76 8.31 7.62
CA ASN A 184 -16.19 9.21 6.55
C ASN A 184 -16.97 8.46 5.48
N ILE A 185 -16.41 7.37 4.97
CA ILE A 185 -17.04 6.72 3.83
C ILE A 185 -18.37 6.13 4.25
N LEU A 186 -18.47 5.63 5.49
CA LEU A 186 -19.75 5.13 5.98
C LEU A 186 -20.74 6.25 6.19
N GLN A 187 -20.30 7.36 6.80
CA GLN A 187 -21.21 8.48 7.03
C GLN A 187 -21.72 9.04 5.72
N SER A 188 -20.90 9.05 4.67
CA SER A 188 -21.33 9.62 3.40
C SER A 188 -22.55 8.89 2.83
N GLN A 189 -22.77 7.62 3.18
CA GLN A 189 -23.94 6.89 2.73
C GLN A 189 -24.98 6.77 3.83
N GLN A 190 -24.77 7.44 4.95
CA GLN A 190 -25.65 7.34 6.12
C GLN A 190 -25.75 5.89 6.60
N PHE A 191 -24.62 5.19 6.56
CA PHE A 191 -24.52 3.84 7.09
C PHE A 191 -24.11 3.91 8.57
N GLU A 192 -24.31 2.79 9.26
CA GLU A 192 -23.95 2.72 10.68
C GLU A 192 -22.44 2.72 10.86
N VAL A 193 -21.97 3.49 11.83
CA VAL A 193 -20.54 3.55 12.16
C VAL A 193 -20.24 2.55 13.26
N PRO A 194 -19.28 1.65 13.07
CA PRO A 194 -19.02 0.60 14.07
C PRO A 194 -18.21 1.16 15.22
N SER A 195 -17.97 0.31 16.22
CA SER A 195 -17.21 0.70 17.38
C SER A 195 -15.77 1.07 17.02
N ASP A 196 -15.07 1.67 17.98
CA ASP A 196 -13.68 2.04 17.75
C ASP A 196 -12.82 0.81 17.52
N GLU A 197 -13.07 -0.29 18.23
CA GLU A 197 -12.28 -1.51 18.02
C GLU A 197 -12.41 -2.02 16.58
N VAL A 198 -13.66 -2.09 16.07
CA VAL A 198 -13.88 -2.54 14.70
C VAL A 198 -13.14 -1.62 13.73
N LEU A 199 -13.29 -0.30 13.88
CA LEU A 199 -12.56 0.65 13.04
C LEU A 199 -11.05 0.38 13.07
N GLU A 200 -10.50 0.12 14.26
CA GLU A 200 -9.09 -0.26 14.37
C GLU A 200 -8.79 -1.53 13.61
N ILE A 201 -9.80 -2.38 13.36
CA ILE A 201 -9.61 -3.54 12.50
C ILE A 201 -9.72 -3.16 11.03
N LEU A 202 -10.61 -2.23 10.70
CA LEU A 202 -10.83 -1.83 9.32
C LEU A 202 -9.62 -1.14 8.71
N VAL A 203 -8.81 -0.44 9.53
CA VAL A 203 -7.69 0.27 8.93
C VAL A 203 -6.68 -0.66 8.26
N ASN A 204 -6.72 -1.95 8.58
CA ASN A 204 -5.81 -2.91 7.94
C ASN A 204 -6.43 -3.60 6.74
N CYS A 205 -7.68 -3.30 6.40
CA CYS A 205 -8.35 -4.10 5.39
C CYS A 205 -7.69 -3.83 4.04
N PRO A 206 -7.35 -4.87 3.29
CA PRO A 206 -6.76 -4.66 1.96
C PRO A 206 -7.77 -4.56 0.84
N GLU A 207 -9.07 -4.65 1.14
CA GLU A 207 -10.04 -4.75 0.07
C GLU A 207 -11.39 -4.21 0.50
N ILE A 208 -11.96 -3.35 -0.34
CA ILE A 208 -13.22 -2.67 -0.10
C ILE A 208 -14.16 -3.03 -1.25
N ALA A 209 -15.36 -3.51 -0.92
CA ALA A 209 -16.38 -3.87 -1.89
C ALA A 209 -17.52 -2.88 -1.82
N VAL A 210 -18.03 -2.48 -2.98
CA VAL A 210 -19.17 -1.58 -3.05
C VAL A 210 -20.26 -2.22 -3.89
N THR A 211 -21.48 -2.25 -3.35
CA THR A 211 -22.61 -2.96 -3.94
C THR A 211 -23.59 -1.99 -4.59
N PHE A 212 -23.85 -2.19 -5.87
CA PHE A 212 -24.81 -1.39 -6.60
C PHE A 212 -25.92 -2.31 -7.10
N ASN A 213 -27.08 -1.72 -7.36
CA ASN A 213 -28.20 -2.50 -7.90
C ASN A 213 -28.99 -1.65 -8.90
N TRP A 214 -30.04 -2.28 -9.43
CA TRP A 214 -30.90 -1.68 -10.46
C TRP A 214 -32.18 -1.15 -9.89
N SER A 215 -32.28 -1.02 -8.57
CA SER A 215 -33.49 -0.58 -7.90
C SER A 215 -33.33 0.73 -7.14
N SER A 216 -32.12 1.27 -7.05
CA SER A 216 -31.92 2.55 -6.38
C SER A 216 -30.75 3.25 -7.03
N PRO A 217 -30.63 4.57 -6.86
CA PRO A 217 -29.45 5.26 -7.38
C PRO A 217 -28.27 5.21 -6.42
N GLY A 218 -28.47 4.70 -5.21
CA GLY A 218 -27.46 4.74 -4.17
C GLY A 218 -26.69 3.44 -4.02
N ILE A 219 -25.73 3.48 -3.10
CA ILE A 219 -24.95 2.31 -2.74
C ILE A 219 -25.79 1.43 -1.81
N GLU A 220 -25.91 0.15 -2.17
CA GLU A 220 -26.73 -0.77 -1.37
C GLU A 220 -26.04 -1.12 -0.06
N ARG A 221 -24.75 -1.44 -0.13
CA ARG A 221 -23.96 -1.72 1.06
C ARG A 221 -22.48 -1.67 0.65
N MET A 222 -21.62 -1.68 1.63
CA MET A 222 -20.22 -1.88 1.29
C MET A 222 -19.59 -2.77 2.34
N CYS A 223 -18.45 -3.33 2.01
CA CYS A 223 -17.89 -4.40 2.81
C CYS A 223 -16.36 -4.27 2.85
N PHE A 224 -15.79 -4.49 4.02
CA PHE A 224 -14.36 -4.34 4.26
C PHE A 224 -13.79 -5.70 4.67
N TYR A 225 -12.82 -6.20 3.89
CA TYR A 225 -12.29 -7.56 4.07
C TYR A 225 -10.95 -7.52 4.80
N THR A 226 -10.82 -8.40 5.78
CA THR A 226 -9.60 -8.53 6.57
C THR A 226 -9.28 -10.02 6.70
N ALA A 227 -8.04 -10.40 6.39
CA ALA A 227 -7.63 -11.79 6.53
C ALA A 227 -6.88 -11.96 7.84
N PHE A 228 -6.95 -13.17 8.38
CA PHE A 228 -6.25 -13.56 9.60
C PHE A 228 -5.60 -14.91 9.35
N VAL A 229 -4.36 -15.06 9.82
CA VAL A 229 -3.55 -16.21 9.45
C VAL A 229 -4.00 -17.49 10.13
N ASN A 230 -4.77 -17.41 11.22
CA ASN A 230 -5.17 -18.62 11.94
C ASN A 230 -6.39 -18.30 12.80
N ARG A 231 -6.89 -19.35 13.49
CA ARG A 231 -8.09 -19.22 14.31
C ARG A 231 -7.91 -18.18 15.42
N GLU A 232 -6.74 -18.19 16.06
CA GLU A 232 -6.57 -17.35 17.24
C GLU A 232 -6.59 -15.87 16.89
N THR A 233 -6.05 -15.49 15.74
CA THR A 233 -5.98 -14.06 15.44
C THR A 233 -7.30 -13.51 14.92
N VAL A 234 -8.31 -14.33 14.72
CA VAL A 234 -9.64 -13.78 14.43
C VAL A 234 -10.13 -13.05 15.68
N PRO A 235 -10.69 -11.84 15.56
CA PRO A 235 -11.29 -11.16 16.73
C PRO A 235 -12.53 -11.88 17.25
N GLN A 236 -12.34 -13.05 17.86
CA GLN A 236 -13.47 -13.87 18.30
C GLN A 236 -14.36 -13.17 19.31
N HIS A 237 -13.80 -12.23 20.09
CA HIS A 237 -14.57 -11.53 21.11
C HIS A 237 -15.59 -10.57 20.52
N ILE A 238 -15.46 -10.20 19.25
CA ILE A 238 -16.33 -9.15 18.71
C ILE A 238 -17.73 -9.67 18.41
N ASN A 239 -17.87 -10.95 18.02
CA ASN A 239 -19.19 -11.51 17.67
C ASN A 239 -19.18 -13.01 17.87
N PRO A 240 -20.26 -13.60 18.39
CA PRO A 240 -20.24 -15.05 18.68
C PRO A 240 -20.06 -15.92 17.45
N VAL A 241 -20.50 -15.46 16.27
CA VAL A 241 -20.31 -16.26 15.06
C VAL A 241 -18.83 -16.34 14.71
N LEU A 242 -18.10 -15.25 14.95
CA LEU A 242 -16.65 -15.23 14.71
C LEU A 242 -15.94 -16.23 15.61
N LYS A 243 -16.24 -16.18 16.92
CA LYS A 243 -15.64 -17.13 17.84
C LYS A 243 -15.96 -18.56 17.44
N LYS A 244 -17.25 -18.87 17.28
CA LYS A 244 -17.63 -20.25 17.02
C LYS A 244 -17.02 -20.76 15.72
N PHE A 245 -17.21 -20.03 14.62
CA PHE A 245 -16.66 -20.50 13.34
C PHE A 245 -15.14 -20.57 13.38
N ALA A 246 -14.49 -19.58 13.99
CA ALA A 246 -13.03 -19.63 14.09
C ALA A 246 -12.57 -20.88 14.83
N GLN A 247 -13.25 -21.22 15.92
CA GLN A 247 -12.83 -22.36 16.70
C GLN A 247 -13.23 -23.70 16.08
N GLU A 248 -14.34 -23.76 15.34
CA GLU A 248 -14.95 -25.01 14.92
C GLU A 248 -15.03 -25.25 13.42
N ALA A 249 -14.68 -24.27 12.59
CA ALA A 249 -14.83 -24.45 11.14
C ALA A 249 -13.94 -25.60 10.67
N PRO A 250 -14.43 -26.45 9.77
CA PRO A 250 -13.59 -27.51 9.23
C PRO A 250 -12.60 -27.00 8.19
N ALA A 251 -11.51 -27.75 8.05
CA ALA A 251 -10.55 -27.50 6.98
C ALA A 251 -9.66 -28.72 6.83
N LEU A 252 -8.98 -28.81 5.69
CA LEU A 252 -8.01 -29.88 5.52
C LEU A 252 -6.66 -29.53 6.13
N LEU A 253 -6.56 -28.37 6.78
CA LEU A 253 -5.45 -28.00 7.64
C LEU A 253 -5.96 -27.95 9.08
N ASP A 254 -5.03 -28.03 10.03
CA ASP A 254 -5.43 -28.05 11.43
C ASP A 254 -5.71 -26.66 11.97
N ASN A 255 -4.86 -25.69 11.62
CA ASN A 255 -5.04 -24.28 11.99
C ASN A 255 -5.13 -23.44 10.72
N PRO A 256 -6.26 -23.47 10.02
CA PRO A 256 -6.41 -22.70 8.79
C PRO A 256 -6.60 -21.21 9.07
N GLY A 257 -6.35 -20.40 8.01
CA GLY A 257 -6.66 -18.99 8.07
C GLY A 257 -8.13 -18.69 7.72
N PHE A 258 -8.52 -17.42 7.91
CA PHE A 258 -9.90 -17.00 7.71
C PHE A 258 -9.96 -15.62 7.04
N LEU A 259 -11.03 -15.40 6.27
CA LEU A 259 -11.32 -14.10 5.69
C LEU A 259 -12.60 -13.58 6.28
N VAL A 260 -12.54 -12.39 6.90
CA VAL A 260 -13.69 -11.76 7.53
C VAL A 260 -14.11 -10.58 6.66
N GLY A 261 -15.37 -10.55 6.28
CA GLY A 261 -15.98 -9.39 5.65
C GLY A 261 -16.86 -8.67 6.63
N TRP A 262 -16.64 -7.37 6.76
CA TRP A 262 -17.37 -6.47 7.64
C TRP A 262 -18.30 -5.66 6.73
N SER A 263 -19.59 -5.98 6.73
CA SER A 263 -20.58 -5.38 5.84
C SER A 263 -21.38 -4.27 6.54
N PHE A 264 -21.70 -3.22 5.79
CA PHE A 264 -22.35 -2.04 6.33
C PHE A 264 -23.38 -1.50 5.36
N GLY A 265 -24.53 -1.11 5.90
CA GLY A 265 -25.63 -0.61 5.11
C GLY A 265 -26.53 0.33 5.89
N PRO A 266 -27.74 0.55 5.39
CA PRO A 266 -28.60 1.62 5.95
C PRO A 266 -29.21 1.31 7.30
N ASP A 267 -29.47 0.04 7.61
CA ASP A 267 -30.21 -0.37 8.82
C ASP A 267 -31.60 0.26 8.88
N LYS A 270 -31.16 -3.09 6.58
CA LYS A 270 -30.18 -3.97 7.22
C LYS A 270 -28.74 -3.66 6.75
N GLY A 271 -28.11 -4.63 6.07
CA GLY A 271 -26.82 -4.43 5.43
C GLY A 271 -25.60 -4.48 6.33
N THR A 272 -25.78 -4.37 7.66
CA THR A 272 -24.67 -4.37 8.62
C THR A 272 -24.56 -5.75 9.26
N TYR A 273 -23.44 -6.44 9.00
CA TYR A 273 -23.28 -7.80 9.51
C TYR A 273 -21.87 -8.28 9.21
N ILE A 274 -21.59 -9.51 9.63
CA ILE A 274 -20.29 -10.15 9.50
C ILE A 274 -20.42 -11.37 8.60
N LYS A 275 -19.39 -11.59 7.80
CA LYS A 275 -19.21 -12.83 7.04
C LYS A 275 -17.83 -13.39 7.34
N ILE A 276 -17.71 -14.71 7.50
CA ILE A 276 -16.40 -15.30 7.75
C ILE A 276 -16.25 -16.59 6.92
N ASP A 277 -15.12 -16.70 6.23
CA ASP A 277 -14.76 -17.79 5.34
C ASP A 277 -13.58 -18.55 5.93
N VAL A 278 -13.67 -19.87 5.93
CA VAL A 278 -12.52 -20.69 6.33
C VAL A 278 -11.71 -21.08 5.11
N ASP A 279 -10.39 -20.89 5.18
CA ASP A 279 -9.48 -21.24 4.09
C ASP A 279 -9.29 -22.75 4.10
N TYR A 280 -10.22 -23.44 3.42
CA TYR A 280 -10.39 -24.88 3.59
C TYR A 280 -9.13 -25.67 3.21
N HIS A 281 -8.44 -25.26 2.13
CA HIS A 281 -7.26 -25.94 1.64
C HIS A 281 -5.97 -25.22 1.98
N GLY A 282 -6.04 -24.00 2.50
CA GLY A 282 -4.88 -23.19 2.77
C GLY A 282 -4.42 -22.31 1.64
N LEU A 283 -5.21 -22.17 0.57
CA LEU A 283 -4.82 -21.42 -0.62
C LEU A 283 -5.38 -20.01 -0.66
N VAL A 284 -6.55 -19.80 -0.06
CA VAL A 284 -7.29 -18.55 -0.22
C VAL A 284 -6.53 -17.38 0.40
N VAL A 285 -6.04 -17.55 1.63
CA VAL A 285 -5.41 -16.42 2.34
C VAL A 285 -4.08 -16.01 1.72
N PRO A 286 -3.20 -16.95 1.32
CA PRO A 286 -2.01 -16.53 0.56
C PRO A 286 -2.36 -15.88 -0.76
N SER A 287 -3.48 -16.30 -1.37
CA SER A 287 -3.94 -15.65 -2.59
C SER A 287 -4.37 -14.22 -2.31
N PHE A 288 -5.13 -14.02 -1.24
CA PHE A 288 -5.57 -12.67 -0.84
C PHE A 288 -4.39 -11.74 -0.64
N PHE A 289 -3.42 -12.16 0.18
CA PHE A 289 -2.26 -11.32 0.42
C PHE A 289 -1.51 -11.02 -0.89
N HIS A 290 -1.22 -12.08 -1.66
CA HIS A 290 -0.51 -11.91 -2.93
C HIS A 290 -1.27 -10.98 -3.90
N MET A 291 -2.58 -11.13 -3.98
CA MET A 291 -3.36 -10.31 -4.91
C MET A 291 -3.44 -8.86 -4.44
N HIS A 292 -3.13 -8.58 -3.17
CA HIS A 292 -3.03 -7.20 -2.74
C HIS A 292 -1.59 -6.74 -2.48
N ASN A 293 -0.60 -7.42 -3.07
CA ASN A 293 0.80 -6.99 -2.98
C ASN A 293 1.26 -6.87 -1.53
N LEU A 294 0.85 -7.82 -0.70
CA LEU A 294 1.24 -7.81 0.70
C LEU A 294 2.03 -9.07 1.03
N PRO A 295 2.98 -8.99 1.96
CA PRO A 295 3.73 -10.18 2.35
C PRO A 295 2.84 -11.17 3.08
N LEU A 296 3.03 -12.46 2.78
CA LEU A 296 2.24 -13.51 3.39
C LEU A 296 2.64 -13.74 4.84
N THR B 2 32.00 10.79 25.66
CA THR B 2 30.63 11.23 25.40
C THR B 2 30.08 10.68 24.09
N ILE B 3 28.76 10.74 23.96
CA ILE B 3 28.13 10.28 22.73
C ILE B 3 28.55 11.17 21.56
N VAL B 4 28.56 12.49 21.75
CA VAL B 4 28.78 13.41 20.64
C VAL B 4 30.19 13.24 20.07
N ASN B 5 31.18 13.02 20.94
CA ASN B 5 32.55 12.85 20.46
C ASN B 5 32.73 11.50 19.77
N ARG B 6 32.03 10.47 20.25
CA ARG B 6 32.00 9.19 19.56
C ARG B 6 31.41 9.34 18.16
N ILE B 7 30.27 10.03 18.06
CA ILE B 7 29.66 10.28 16.77
C ILE B 7 30.64 11.01 15.84
N ARG B 8 31.23 12.12 16.31
CA ARG B 8 32.15 12.87 15.47
CA ARG B 8 32.16 12.87 15.47
C ARG B 8 33.31 11.98 14.99
N THR B 9 33.89 11.21 15.91
CA THR B 9 34.97 10.29 15.52
C THR B 9 34.49 9.33 14.44
N ASP B 10 33.29 8.74 14.61
CA ASP B 10 32.78 7.80 13.63
C ASP B 10 32.61 8.46 12.28
N VAL B 11 32.06 9.67 12.26
CA VAL B 11 31.92 10.41 11.00
C VAL B 11 33.28 10.61 10.33
N VAL B 12 34.28 11.03 11.11
CA VAL B 12 35.60 11.26 10.52
C VAL B 12 36.19 9.95 9.99
N ASN B 13 36.00 8.86 10.73
CA ASN B 13 36.54 7.58 10.29
C ASN B 13 35.83 7.09 9.03
N VAL B 14 34.52 7.34 8.91
CA VAL B 14 33.84 7.05 7.66
C VAL B 14 34.46 7.86 6.52
N ALA B 15 34.60 9.18 6.72
CA ALA B 15 35.23 10.01 5.70
C ALA B 15 36.60 9.48 5.29
N LYS B 16 37.46 9.18 6.26
CA LYS B 16 38.79 8.68 5.92
C LYS B 16 38.71 7.33 5.22
N SER B 17 37.88 6.42 5.74
CA SER B 17 37.82 5.08 5.15
C SER B 17 37.34 5.13 3.70
N PHE B 18 36.35 5.94 3.40
CA PHE B 18 35.82 6.02 2.06
C PHE B 18 36.53 7.08 1.21
N GLY B 19 37.58 7.69 1.74
CA GLY B 19 38.32 8.68 0.98
C GLY B 19 37.52 9.90 0.60
N ALA B 20 36.49 10.22 1.39
CA ALA B 20 35.60 11.34 1.10
C ALA B 20 36.26 12.67 1.45
N GLU B 21 36.05 13.66 0.59
CA GLU B 21 36.54 15.01 0.86
C GLU B 21 35.80 15.60 2.05
N TYR B 22 36.53 16.15 3.01
CA TYR B 22 35.88 16.73 4.17
C TYR B 22 36.76 17.82 4.76
N SER B 23 36.14 18.65 5.59
CA SER B 23 36.80 19.77 6.24
C SER B 23 36.61 19.67 7.74
N GLU B 24 37.72 19.69 8.49
CA GLU B 24 37.64 19.67 9.94
C GLU B 24 36.93 20.90 10.48
N ALA B 25 37.19 22.08 9.88
CA ALA B 25 36.50 23.29 10.28
C ALA B 25 34.99 23.16 10.08
N VAL B 26 34.59 22.65 8.91
CA VAL B 26 33.16 22.44 8.65
C VAL B 26 32.56 21.49 9.67
N ILE B 27 33.22 20.36 9.91
CA ILE B 27 32.68 19.43 10.90
C ILE B 27 32.55 20.11 12.25
N ASP B 28 33.53 20.97 12.57
CA ASP B 28 33.48 21.76 13.81
C ASP B 28 32.22 22.60 13.88
N GLN B 29 31.92 23.39 12.84
CA GLN B 29 30.76 24.29 12.94
C GLN B 29 29.45 23.51 12.93
N ILE B 30 29.38 22.46 12.11
CA ILE B 30 28.20 21.59 12.16
C ILE B 30 27.97 21.10 13.58
N PHE B 31 29.01 20.55 14.20
CA PHE B 31 28.81 19.91 15.50
C PHE B 31 28.54 20.94 16.59
N GLN B 32 29.15 22.12 16.51
CA GLN B 32 28.81 23.17 17.47
C GLN B 32 27.34 23.54 17.36
N GLY B 33 26.78 23.50 16.15
CA GLY B 33 25.36 23.74 16.01
C GLY B 33 24.45 22.59 16.38
N PHE B 34 24.81 21.39 15.95
CA PHE B 34 23.85 20.30 15.90
C PHE B 34 24.28 19.02 16.63
N GLY B 35 25.45 19.01 17.28
CA GLY B 35 25.92 17.78 17.92
C GLY B 35 24.92 17.17 18.88
N GLU B 36 24.28 18.00 19.70
CA GLU B 36 23.25 17.50 20.61
C GLU B 36 22.12 16.83 19.83
N LYS B 37 21.64 17.49 18.77
CA LYS B 37 20.65 16.87 17.91
C LYS B 37 21.11 15.51 17.40
N PHE B 38 22.39 15.41 17.03
CA PHE B 38 22.91 14.14 16.52
C PHE B 38 22.85 13.06 17.59
N THR B 39 23.11 13.42 18.85
CA THR B 39 23.10 12.39 19.87
C THR B 39 21.68 11.96 20.26
N ASN B 40 20.69 12.86 20.17
CA ASN B 40 19.38 12.59 20.75
C ASN B 40 18.26 12.23 19.79
N THR B 41 18.46 12.30 18.47
CA THR B 41 17.35 12.18 17.52
C THR B 41 17.67 11.13 16.47
N GLY B 42 16.91 11.14 15.37
CA GLY B 42 17.14 10.20 14.28
C GLY B 42 18.30 10.57 13.36
N PHE B 43 19.52 10.25 13.78
CA PHE B 43 20.75 10.60 13.08
C PHE B 43 21.20 9.47 12.16
N ALA B 44 21.85 9.85 11.05
CA ALA B 44 22.31 8.89 10.06
C ALA B 44 23.57 9.43 9.40
N ILE B 45 24.48 8.51 9.06
CA ILE B 45 25.64 8.81 8.24
C ILE B 45 25.39 8.21 6.87
N ARG B 46 25.60 9.02 5.83
CA ARG B 46 25.38 8.62 4.45
C ARG B 46 26.69 8.70 3.67
N VAL B 47 26.93 7.68 2.85
CA VAL B 47 27.90 7.78 1.75
C VAL B 47 27.12 7.65 0.45
N GLN B 48 27.63 8.32 -0.60
CA GLN B 48 27.05 8.17 -1.93
C GLN B 48 28.17 8.24 -2.96
N ASN B 49 27.90 7.73 -4.16
CA ASN B 49 28.84 7.86 -5.27
C ASN B 49 28.31 8.78 -6.36
N LYS B 50 27.82 9.96 -5.95
CA LYS B 50 27.21 10.92 -6.86
C LYS B 50 28.17 11.41 -7.96
N ARG B 51 29.49 11.34 -7.72
CA ARG B 51 30.49 11.82 -8.66
C ARG B 51 31.50 10.72 -8.95
N ASN B 52 32.06 10.76 -10.16
CA ASN B 52 32.83 9.62 -10.69
C ASN B 52 34.10 9.38 -9.87
N GLN B 53 34.28 8.12 -9.46
CA GLN B 53 35.48 7.65 -8.73
C GLN B 53 35.69 8.41 -7.41
N LYS B 54 34.62 8.87 -6.78
CA LYS B 54 34.72 9.65 -5.56
C LYS B 54 33.47 9.43 -4.72
N VAL B 55 33.65 9.14 -3.44
CA VAL B 55 32.53 8.96 -2.51
C VAL B 55 32.36 10.22 -1.68
N ASP B 56 31.13 10.68 -1.54
CA ASP B 56 30.84 11.84 -0.70
C ASP B 56 30.12 11.37 0.55
N CYS B 57 30.28 12.13 1.63
CA CYS B 57 29.73 11.75 2.93
C CYS B 57 28.88 12.89 3.48
N ASN B 58 27.63 12.59 3.81
CA ASN B 58 26.69 13.51 4.44
C ASN B 58 26.29 12.95 5.80
N ILE B 59 25.95 13.84 6.73
CA ILE B 59 25.40 13.41 8.01
C ILE B 59 24.08 14.13 8.19
N ARG B 60 23.08 13.43 8.70
CA ARG B 60 21.71 13.95 8.66
C ARG B 60 20.97 13.58 9.93
N TYR B 61 19.94 14.34 10.25
CA TYR B 61 19.09 13.93 11.37
C TYR B 61 17.66 14.37 11.10
N GLY B 62 16.75 13.66 11.74
CA GLY B 62 15.34 14.01 11.74
C GLY B 62 14.80 13.90 13.15
N GLU B 63 13.88 14.79 13.51
CA GLU B 63 13.19 14.67 14.78
C GLU B 63 11.76 15.14 14.60
N ALA B 64 10.90 14.65 15.48
CA ALA B 64 9.45 14.83 15.36
C ALA B 64 9.05 16.10 16.12
N LYS B 65 9.48 17.23 15.57
CA LYS B 65 8.99 18.53 16.00
C LYS B 65 8.15 19.11 14.87
N GLU B 66 7.18 19.96 15.24
CA GLU B 66 6.28 20.56 14.27
C GLU B 66 6.82 21.86 13.69
N ASN B 67 7.88 22.40 14.27
CA ASN B 67 8.52 23.62 13.81
C ASN B 67 9.91 23.29 13.29
N CYS B 68 10.37 24.10 12.36
CA CYS B 68 11.62 23.81 11.67
C CYS B 68 12.78 24.33 12.51
N LEU B 69 13.11 23.59 13.57
CA LEU B 69 14.16 24.03 14.50
C LEU B 69 15.52 24.13 13.82
N ALA B 70 15.79 23.23 12.87
CA ALA B 70 17.09 23.27 12.18
C ALA B 70 17.33 24.61 11.50
N TRP B 71 16.27 25.28 11.05
CA TRP B 71 16.44 26.57 10.40
C TRP B 71 16.94 27.61 11.40
N ASP B 72 16.29 27.67 12.57
CA ASP B 72 16.75 28.58 13.61
C ASP B 72 18.18 28.27 13.99
N ILE B 73 18.50 26.99 14.21
CA ILE B 73 19.84 26.63 14.69
C ILE B 73 20.88 26.97 13.64
N ALA B 74 20.61 26.65 12.38
CA ALA B 74 21.59 26.92 11.33
C ALA B 74 21.75 28.41 11.09
N ARG B 75 20.65 29.17 11.15
CA ARG B 75 20.80 30.62 11.03
C ARG B 75 21.61 31.18 12.19
N GLU B 76 21.39 30.65 13.40
CA GLU B 76 22.11 31.15 14.57
C GLU B 76 23.60 30.80 14.51
N SER B 77 23.91 29.60 14.02
CA SER B 77 25.27 29.09 13.96
C SER B 77 26.09 29.69 12.84
N GLY B 78 25.47 30.41 11.92
CA GLY B 78 26.15 30.81 10.70
C GLY B 78 26.23 29.72 9.65
N LEU B 79 25.57 28.58 9.87
CA LEU B 79 25.58 27.52 8.87
C LEU B 79 24.62 27.75 7.72
N LEU B 80 23.72 28.73 7.83
CA LEU B 80 22.78 29.07 6.78
C LEU B 80 22.72 30.58 6.67
N SER B 81 23.01 31.10 5.49
CA SER B 81 22.93 32.54 5.27
C SER B 81 22.05 32.79 4.05
N ASP B 82 21.69 34.05 3.84
CA ASP B 82 20.86 34.39 2.71
C ASP B 82 21.55 33.96 1.42
N GLN B 83 20.79 33.37 0.52
CA GLN B 83 21.33 32.88 -0.74
C GLN B 83 21.11 33.86 -1.88
N GLY B 84 20.29 34.89 -1.70
CA GLY B 84 19.85 35.74 -2.79
C GLY B 84 19.14 34.93 -3.85
N HIS B 85 18.19 34.10 -3.41
CA HIS B 85 17.62 33.05 -4.23
C HIS B 85 16.26 32.65 -3.64
N PRO B 86 15.33 32.15 -4.47
CA PRO B 86 14.05 31.63 -3.95
C PRO B 86 14.16 30.63 -2.80
N VAL B 87 15.27 29.89 -2.65
CA VAL B 87 15.35 28.94 -1.54
C VAL B 87 15.30 29.67 -0.19
N ASP B 88 15.63 30.97 -0.19
CA ASP B 88 15.78 31.74 1.05
C ASP B 88 14.55 31.67 1.95
N THR B 89 13.35 31.74 1.37
CA THR B 89 12.12 31.69 2.14
C THR B 89 11.38 30.37 2.02
N LEU B 90 11.89 29.44 1.19
CA LEU B 90 11.07 28.32 0.74
C LEU B 90 10.65 27.42 1.91
N ILE B 91 11.62 27.04 2.75
CA ILE B 91 11.32 26.23 3.94
C ILE B 91 10.25 26.92 4.78
N GLN B 92 10.44 28.22 5.02
CA GLN B 92 9.45 28.97 5.79
C GLN B 92 8.08 28.80 5.16
N GLU B 93 8.01 29.00 3.84
CA GLU B 93 6.74 28.88 3.15
C GLU B 93 6.15 27.50 3.37
N MET B 94 6.98 26.47 3.24
CA MET B 94 6.51 25.11 3.41
C MET B 94 5.85 24.93 4.78
N PHE B 95 6.52 25.38 5.82
CA PHE B 95 5.96 25.17 7.15
C PHE B 95 4.72 26.03 7.35
N GLN B 96 4.66 27.18 6.66
CA GLN B 96 3.45 27.99 6.74
C GLN B 96 2.31 27.34 5.96
N ALA B 97 2.63 26.60 4.89
CA ALA B 97 1.56 26.09 4.04
C ALA B 97 1.01 24.76 4.52
N ILE B 98 1.87 23.89 5.04
CA ILE B 98 1.48 22.53 5.40
C ILE B 98 1.94 22.23 6.81
N PRO B 99 1.06 21.74 7.69
CA PRO B 99 1.51 21.36 9.03
C PRO B 99 2.55 20.25 8.94
N ALA B 100 3.58 20.34 9.79
CA ALA B 100 4.63 19.33 9.84
C ALA B 100 4.51 18.49 11.11
N ILE B 101 4.78 17.20 10.98
CA ILE B 101 4.94 16.33 12.14
C ILE B 101 6.40 16.03 12.43
N ALA B 102 7.30 16.37 11.53
CA ALA B 102 8.73 16.17 11.74
C ALA B 102 9.48 17.17 10.88
N TYR B 103 10.76 17.36 11.20
CA TYR B 103 11.68 18.11 10.36
C TYR B 103 13.02 17.37 10.39
N GLY B 104 13.94 17.80 9.53
CA GLY B 104 15.30 17.29 9.60
C GLY B 104 16.23 18.17 8.80
N ALA B 105 17.50 17.80 8.80
CA ALA B 105 18.50 18.56 8.06
C ALA B 105 19.66 17.64 7.71
N ASP B 106 20.38 17.99 6.64
CA ASP B 106 21.57 17.22 6.33
C ASP B 106 22.68 18.13 5.87
N PHE B 107 23.89 17.61 6.05
CA PHE B 107 25.13 18.38 6.00
C PHE B 107 26.14 17.58 5.22
N ASP B 108 26.76 18.20 4.22
CA ASP B 108 27.93 17.61 3.61
C ASP B 108 29.14 18.07 4.42
N ILE B 109 29.96 17.12 4.85
CA ILE B 109 31.05 17.39 5.78
C ILE B 109 32.21 18.13 5.10
N ASN B 110 32.12 18.35 3.79
CA ASN B 110 33.07 19.22 3.09
C ASN B 110 32.49 20.59 2.78
N TYR B 111 31.36 20.95 3.37
CA TYR B 111 30.67 22.16 2.95
C TYR B 111 29.93 22.82 4.10
N GLY B 112 28.99 22.09 4.73
CA GLY B 112 28.12 22.62 5.76
C GLY B 112 26.70 22.10 5.58
N LEU B 113 25.72 22.89 6.01
CA LEU B 113 24.32 22.57 5.78
C LEU B 113 24.00 22.57 4.29
N VAL B 114 23.35 21.49 3.85
CA VAL B 114 22.95 21.33 2.45
C VAL B 114 21.43 21.44 2.26
N LYS B 115 20.66 20.65 3.02
CA LYS B 115 19.20 20.61 2.91
C LYS B 115 18.55 20.73 4.26
N ILE B 116 17.34 21.27 4.26
CA ILE B 116 16.42 21.13 5.38
C ILE B 116 15.16 20.49 4.83
N TRP B 117 14.48 19.69 5.65
CA TRP B 117 13.26 19.08 5.17
C TRP B 117 12.08 19.24 6.11
N HIS B 118 10.94 19.03 5.49
CA HIS B 118 9.60 19.21 6.04
C HIS B 118 8.91 17.86 5.86
N LEU B 119 8.43 17.29 6.96
CA LEU B 119 7.66 16.04 6.89
C LEU B 119 6.27 16.29 7.44
N PRO B 120 5.26 16.34 6.59
CA PRO B 120 3.88 16.44 7.08
C PRO B 120 3.29 15.07 7.31
N LYS B 121 2.07 15.01 7.82
CA LYS B 121 1.27 13.82 7.61
C LYS B 121 1.05 13.70 6.11
N ILE B 122 1.02 12.47 5.61
CA ILE B 122 0.84 12.26 4.17
C ILE B 122 -0.34 13.09 3.70
N VAL B 123 -0.11 13.99 2.74
CA VAL B 123 -1.15 14.90 2.29
C VAL B 123 -1.26 14.81 0.77
N PRO B 124 -2.41 15.22 0.22
CA PRO B 124 -2.52 15.33 -1.24
C PRO B 124 -1.45 16.29 -1.77
N VAL B 125 -0.87 15.94 -2.92
CA VAL B 125 0.22 16.73 -3.47
C VAL B 125 -0.23 18.14 -3.85
N GLU B 126 -1.52 18.33 -4.12
CA GLU B 126 -2.01 19.66 -4.47
C GLU B 126 -1.66 20.68 -3.41
N GLU B 127 -1.56 20.26 -2.15
CA GLU B 127 -1.22 21.19 -1.08
C GLU B 127 0.11 21.88 -1.35
N ALA B 128 1.07 21.14 -1.90
CA ALA B 128 2.35 21.71 -2.28
C ALA B 128 2.17 22.91 -3.20
N PHE B 129 1.22 22.83 -4.13
CA PHE B 129 1.13 23.91 -5.12
C PHE B 129 0.82 25.24 -4.47
N LYS B 130 0.42 25.26 -3.20
CA LYS B 130 0.22 26.53 -2.50
C LYS B 130 1.50 27.34 -2.35
N ILE B 131 2.66 26.70 -2.41
CA ILE B 131 3.89 27.29 -1.91
C ILE B 131 4.48 28.25 -2.93
N PRO B 132 4.56 29.54 -2.61
CA PRO B 132 4.91 30.55 -3.64
C PRO B 132 6.26 30.35 -4.32
N SER B 133 7.30 29.98 -3.58
CA SER B 133 8.64 30.05 -4.14
C SER B 133 9.08 28.75 -4.80
N LEU B 134 8.16 27.80 -4.98
CA LEU B 134 8.53 26.58 -5.66
C LEU B 134 8.91 26.89 -7.12
N PRO B 135 9.85 26.14 -7.69
CA PRO B 135 10.14 26.33 -9.11
C PRO B 135 8.90 26.02 -9.92
N LYS B 136 8.80 26.67 -11.08
CA LYS B 136 7.58 26.59 -11.88
C LYS B 136 7.38 25.19 -12.47
N SER B 137 8.48 24.45 -12.67
CA SER B 137 8.38 23.08 -13.17
C SER B 137 7.51 22.21 -12.28
N VAL B 138 7.42 22.52 -10.98
CA VAL B 138 6.65 21.69 -10.07
C VAL B 138 5.18 21.69 -10.47
N ASN B 139 4.56 22.88 -10.47
CA ASN B 139 3.17 22.98 -10.89
C ASN B 139 3.01 22.54 -12.35
N ALA B 140 4.05 22.71 -13.16
CA ALA B 140 3.89 22.24 -14.53
C ALA B 140 3.90 20.72 -14.65
N HIS B 141 4.32 19.98 -13.62
CA HIS B 141 4.33 18.53 -13.68
C HIS B 141 3.09 17.89 -13.03
N ILE B 142 1.96 18.61 -13.02
CA ILE B 142 0.75 18.08 -12.38
C ILE B 142 0.28 16.79 -13.06
N ASP B 143 0.17 16.81 -14.39
CA ASP B 143 -0.28 15.62 -15.10
C ASP B 143 0.74 14.50 -15.00
N PHE B 144 2.02 14.85 -14.83
CA PHE B 144 3.04 13.82 -14.58
C PHE B 144 2.83 13.15 -13.23
N PHE B 145 2.62 13.94 -12.16
CA PHE B 145 2.36 13.35 -10.85
C PHE B 145 1.14 12.44 -10.91
N LYS B 146 0.03 12.96 -11.46
CA LYS B 146 -1.21 12.18 -11.54
C LYS B 146 -0.99 10.88 -12.31
N LYS B 147 -0.30 10.96 -13.44
CA LYS B 147 -0.09 9.77 -14.26
C LYS B 147 0.75 8.70 -13.56
N TYR B 148 1.72 9.09 -12.74
CA TYR B 148 2.59 8.11 -12.10
C TYR B 148 2.23 7.88 -10.64
N HIS B 149 1.02 8.28 -10.24
CA HIS B 149 0.46 7.95 -8.93
C HIS B 149 1.28 8.60 -7.82
N LEU B 150 1.77 9.79 -8.13
CA LEU B 150 2.50 10.62 -7.20
C LEU B 150 1.53 11.65 -6.61
N ASP B 151 0.63 11.13 -5.78
CA ASP B 151 -0.46 11.91 -5.19
C ASP B 151 -0.35 12.07 -3.68
N ALA B 152 0.46 11.26 -3.01
CA ALA B 152 0.48 11.19 -1.55
C ALA B 152 1.81 11.76 -1.06
N LEU B 153 1.84 13.07 -0.86
CA LEU B 153 3.06 13.79 -0.52
C LEU B 153 3.46 13.48 0.92
N CYS B 154 4.63 12.85 1.09
CA CYS B 154 5.12 12.53 2.42
C CYS B 154 6.31 13.38 2.86
N ALA B 155 6.93 14.13 1.95
CA ALA B 155 7.96 15.04 2.45
C ALA B 155 8.27 16.10 1.40
N LEU B 156 8.92 17.17 1.85
CA LEU B 156 9.49 18.23 1.01
C LEU B 156 10.90 18.52 1.50
N THR B 157 11.85 18.75 0.57
CA THR B 157 13.15 19.24 0.98
C THR B 157 13.55 20.47 0.16
N VAL B 158 14.34 21.32 0.79
CA VAL B 158 15.00 22.46 0.16
C VAL B 158 16.50 22.20 0.23
N ASP B 159 17.14 22.13 -0.96
CA ASP B 159 18.57 21.94 -1.10
C ASP B 159 19.20 23.30 -1.44
N TYR B 160 19.73 23.95 -0.41
CA TYR B 160 20.30 25.28 -0.54
C TYR B 160 21.59 25.29 -1.35
N ARG B 161 22.35 24.20 -1.33
CA ARG B 161 23.60 24.15 -2.07
C ARG B 161 23.36 23.90 -3.55
N ASN B 162 22.51 22.94 -3.85
CA ASN B 162 22.20 22.57 -5.22
C ASN B 162 21.17 23.50 -5.85
N LYS B 163 20.52 24.33 -5.05
CA LYS B 163 19.46 25.23 -5.50
C LYS B 163 18.35 24.41 -6.15
N SER B 164 17.86 23.44 -5.38
CA SER B 164 16.84 22.54 -5.91
C SER B 164 15.85 22.21 -4.79
N THR B 165 14.72 21.64 -5.15
CA THR B 165 13.79 21.15 -4.14
C THR B 165 13.31 19.75 -4.53
N ASN B 166 13.07 18.92 -3.52
CA ASN B 166 12.55 17.57 -3.73
C ASN B 166 11.13 17.46 -3.21
N LEU B 167 10.27 16.79 -3.97
CA LEU B 167 9.00 16.32 -3.44
C LEU B 167 9.09 14.82 -3.22
N TYR B 168 8.65 14.36 -2.06
CA TYR B 168 8.69 12.94 -1.72
C TYR B 168 7.28 12.41 -1.59
N PHE B 169 7.07 11.21 -2.14
CA PHE B 169 5.78 10.58 -2.28
C PHE B 169 5.80 9.18 -1.65
N ASP B 170 4.74 8.88 -0.90
CA ASP B 170 4.45 7.53 -0.45
C ASP B 170 4.07 6.69 -1.66
N ALA B 171 4.88 5.68 -1.96
CA ALA B 171 4.65 4.87 -3.15
C ALA B 171 3.68 3.72 -2.86
N HIS B 172 2.42 4.10 -2.63
CA HIS B 172 1.36 3.19 -2.19
C HIS B 172 0.64 2.45 -3.32
N HIS B 173 0.71 2.96 -4.56
CA HIS B 173 -0.17 2.47 -5.60
C HIS B 173 0.28 1.09 -6.10
N PRO B 174 -0.68 0.24 -6.47
CA PRO B 174 -0.33 -1.12 -6.93
C PRO B 174 0.53 -1.15 -8.19
N GLU B 175 0.35 -0.19 -9.10
CA GLU B 175 1.22 -0.15 -10.28
C GLU B 175 2.68 0.01 -9.88
N GLN B 176 2.93 0.69 -8.76
CA GLN B 176 4.29 0.88 -8.26
C GLN B 176 4.90 -0.41 -7.71
N ARG B 177 4.13 -1.50 -7.69
CA ARG B 177 4.64 -2.83 -7.38
C ARG B 177 5.13 -3.58 -8.60
N THR B 178 5.08 -2.96 -9.77
CA THR B 178 5.49 -3.57 -11.03
C THR B 178 6.78 -2.94 -11.50
N THR B 179 7.65 -3.74 -12.12
CA THR B 179 8.88 -3.18 -12.68
C THR B 179 8.58 -2.25 -13.85
N GLN B 180 7.47 -2.48 -14.54
CA GLN B 180 7.14 -1.65 -15.69
C GLN B 180 6.89 -0.21 -15.27
N PHE B 181 6.36 0.01 -14.06
CA PHE B 181 6.18 1.39 -13.59
C PHE B 181 7.50 2.14 -13.57
N TYR B 182 8.56 1.49 -13.09
CA TYR B 182 9.84 2.17 -12.95
C TYR B 182 10.52 2.33 -14.31
N LYS B 183 10.42 1.31 -15.17
CA LYS B 183 10.90 1.49 -16.55
C LYS B 183 10.20 2.66 -17.22
N ASN B 184 8.89 2.80 -16.96
CA ASN B 184 8.08 3.84 -17.61
C ASN B 184 8.41 5.22 -17.09
N ILE B 185 8.44 5.39 -15.76
CA ILE B 185 8.70 6.72 -15.22
C ILE B 185 10.12 7.14 -15.54
N LEU B 186 11.06 6.19 -15.59
CA LEU B 186 12.43 6.52 -15.95
C LEU B 186 12.55 6.91 -17.42
N GLN B 187 11.92 6.12 -18.31
CA GLN B 187 11.91 6.46 -19.73
C GLN B 187 11.11 7.71 -20.04
N SER B 188 10.15 8.07 -19.19
CA SER B 188 9.43 9.31 -19.43
C SER B 188 10.34 10.54 -19.33
N GLN B 189 11.51 10.39 -18.73
CA GLN B 189 12.46 11.50 -18.60
C GLN B 189 13.74 11.24 -19.37
N GLN B 190 13.79 10.17 -20.17
CA GLN B 190 15.02 9.78 -20.84
C GLN B 190 16.16 9.55 -19.85
N PHE B 191 15.82 9.03 -18.67
CA PHE B 191 16.79 8.52 -17.72
C PHE B 191 17.08 7.07 -18.05
N GLU B 192 18.26 6.61 -17.65
CA GLU B 192 18.64 5.24 -17.96
C GLU B 192 17.87 4.24 -17.10
N VAL B 193 17.55 3.10 -17.69
CA VAL B 193 16.80 2.07 -16.98
C VAL B 193 17.81 1.11 -16.37
N PRO B 194 17.71 0.82 -15.06
CA PRO B 194 18.69 -0.06 -14.42
C PRO B 194 18.48 -1.52 -14.81
N SER B 195 19.24 -2.42 -14.19
CA SER B 195 19.14 -3.83 -14.52
C SER B 195 17.85 -4.44 -13.97
N ASP B 196 17.56 -5.66 -14.42
CA ASP B 196 16.39 -6.37 -13.94
C ASP B 196 16.46 -6.57 -12.43
N GLU B 197 17.63 -6.95 -11.89
CA GLU B 197 17.71 -7.15 -10.45
CA GLU B 197 17.73 -7.15 -10.45
C GLU B 197 17.38 -5.87 -9.69
N VAL B 198 17.91 -4.73 -10.16
CA VAL B 198 17.63 -3.45 -9.52
C VAL B 198 16.14 -3.12 -9.60
N LEU B 199 15.54 -3.26 -10.79
CA LEU B 199 14.08 -3.10 -10.91
C LEU B 199 13.32 -3.96 -9.89
N GLU B 200 13.76 -5.21 -9.71
CA GLU B 200 13.14 -6.09 -8.72
C GLU B 200 13.34 -5.57 -7.31
N ILE B 201 14.36 -4.73 -7.09
CA ILE B 201 14.46 -4.07 -5.79
C ILE B 201 13.54 -2.86 -5.73
N LEU B 202 13.37 -2.16 -6.86
CA LEU B 202 12.56 -0.94 -6.87
C LEU B 202 11.09 -1.22 -6.64
N VAL B 203 10.58 -2.37 -7.07
CA VAL B 203 9.15 -2.64 -6.85
C VAL B 203 8.76 -2.57 -5.37
N ASN B 204 9.71 -2.72 -4.46
CA ASN B 204 9.40 -2.65 -3.04
C ASN B 204 9.55 -1.25 -2.46
N CYS B 205 9.98 -0.28 -3.25
CA CYS B 205 10.37 0.99 -2.66
C CYS B 205 9.13 1.65 -2.07
N PRO B 206 9.18 2.10 -0.81
CA PRO B 206 8.05 2.81 -0.23
C PRO B 206 8.02 4.30 -0.52
N GLU B 207 9.07 4.85 -1.12
CA GLU B 207 9.23 6.30 -1.18
C GLU B 207 9.91 6.67 -2.49
N ILE B 208 9.30 7.62 -3.21
CA ILE B 208 9.83 8.13 -4.47
C ILE B 208 10.05 9.64 -4.32
N ALA B 209 11.23 10.12 -4.69
CA ALA B 209 11.61 11.53 -4.59
C ALA B 209 11.83 12.08 -6.00
N VAL B 210 11.33 13.29 -6.25
CA VAL B 210 11.44 13.92 -7.55
C VAL B 210 12.07 15.30 -7.35
N THR B 211 13.18 15.56 -8.05
CA THR B 211 13.96 16.79 -7.87
C THR B 211 13.64 17.81 -8.97
N PHE B 212 13.24 19.01 -8.57
CA PHE B 212 13.00 20.12 -9.46
C PHE B 212 13.98 21.25 -9.17
N ASN B 213 14.18 22.14 -10.14
CA ASN B 213 15.07 23.28 -9.91
C ASN B 213 14.56 24.49 -10.68
N TRP B 214 15.31 25.59 -10.56
CA TRP B 214 14.93 26.88 -11.12
C TRP B 214 15.73 27.21 -12.36
N SER B 215 16.40 26.23 -12.95
CA SER B 215 17.24 26.42 -14.11
C SER B 215 16.77 25.64 -15.32
N SER B 216 15.73 24.82 -15.20
CA SER B 216 15.24 24.03 -16.31
C SER B 216 13.77 23.73 -16.06
N PRO B 217 13.01 23.42 -17.11
CA PRO B 217 11.61 23.05 -16.92
C PRO B 217 11.40 21.59 -16.60
N GLY B 218 12.45 20.76 -16.67
CA GLY B 218 12.32 19.33 -16.50
C GLY B 218 12.68 18.87 -15.09
N ILE B 219 12.45 17.58 -14.86
CA ILE B 219 12.86 16.93 -13.61
C ILE B 219 14.37 16.76 -13.64
N GLU B 220 15.03 17.12 -12.54
CA GLU B 220 16.50 17.05 -12.49
C GLU B 220 16.98 15.62 -12.29
N ARG B 221 16.34 14.90 -11.37
CA ARG B 221 16.63 13.50 -11.11
C ARG B 221 15.46 12.95 -10.28
N MET B 222 15.44 11.64 -10.12
CA MET B 222 14.46 10.99 -9.26
C MET B 222 15.18 9.94 -8.44
N CYS B 223 14.60 9.61 -7.29
CA CYS B 223 15.27 8.71 -6.37
C CYS B 223 14.25 7.76 -5.77
N PHE B 224 14.65 6.51 -5.55
CA PHE B 224 13.77 5.46 -5.03
C PHE B 224 14.37 4.89 -3.77
N TYR B 225 13.65 5.01 -2.65
CA TYR B 225 14.19 4.63 -1.35
C TYR B 225 13.69 3.25 -0.97
N THR B 226 14.62 2.41 -0.51
CA THR B 226 14.30 1.09 0.03
C THR B 226 15.08 0.94 1.33
N ALA B 227 14.44 0.40 2.36
CA ALA B 227 15.14 0.16 3.60
C ALA B 227 15.45 -1.31 3.75
N PHE B 228 16.44 -1.61 4.59
CA PHE B 228 16.91 -2.94 4.88
C PHE B 228 17.15 -3.01 6.38
N VAL B 229 16.70 -4.10 7.02
CA VAL B 229 16.70 -4.14 8.47
C VAL B 229 18.07 -4.41 9.08
N ASN B 230 19.04 -4.88 8.30
CA ASN B 230 20.36 -5.18 8.83
C ASN B 230 21.36 -5.14 7.69
N ARG B 231 22.65 -5.32 8.04
CA ARG B 231 23.72 -5.35 7.04
C ARG B 231 23.56 -6.51 6.07
N GLU B 232 23.03 -7.64 6.55
CA GLU B 232 22.95 -8.85 5.74
C GLU B 232 22.04 -8.65 4.53
N THR B 233 20.93 -7.96 4.71
CA THR B 233 19.94 -7.86 3.64
C THR B 233 20.16 -6.68 2.70
N VAL B 234 21.21 -5.90 2.88
CA VAL B 234 21.54 -4.92 1.83
C VAL B 234 22.09 -5.65 0.62
N PRO B 235 21.66 -5.31 -0.61
CA PRO B 235 22.21 -5.99 -1.79
C PRO B 235 23.67 -5.63 -2.03
N GLN B 236 24.54 -6.10 -1.14
CA GLN B 236 25.96 -5.73 -1.17
C GLN B 236 26.61 -6.05 -2.51
N HIS B 237 26.11 -7.08 -3.19
CA HIS B 237 26.66 -7.59 -4.45
C HIS B 237 26.44 -6.64 -5.62
N ILE B 238 25.62 -5.60 -5.46
CA ILE B 238 25.24 -4.77 -6.60
C ILE B 238 26.22 -3.63 -6.83
N ASN B 239 26.87 -3.13 -5.78
CA ASN B 239 27.83 -2.03 -5.89
C ASN B 239 28.79 -2.09 -4.72
N PRO B 240 30.09 -1.84 -4.94
CA PRO B 240 31.06 -1.98 -3.84
C PRO B 240 30.83 -1.03 -2.69
N VAL B 241 30.26 0.15 -2.94
CA VAL B 241 29.95 1.06 -1.83
C VAL B 241 28.91 0.43 -0.91
N LEU B 242 27.89 -0.22 -1.48
CA LEU B 242 26.88 -0.91 -0.66
C LEU B 242 27.52 -1.99 0.20
N LYS B 243 28.37 -2.84 -0.39
CA LYS B 243 29.02 -3.89 0.39
C LYS B 243 29.85 -3.30 1.52
N LYS B 244 30.77 -2.37 1.18
CA LYS B 244 31.69 -1.84 2.17
C LYS B 244 30.97 -1.08 3.27
N PHE B 245 29.98 -0.25 2.90
CA PHE B 245 29.28 0.51 3.93
C PHE B 245 28.40 -0.38 4.78
N ALA B 246 27.65 -1.31 4.17
CA ALA B 246 26.85 -2.24 4.97
C ALA B 246 27.75 -3.00 5.96
N GLN B 247 28.91 -3.46 5.51
CA GLN B 247 29.76 -4.26 6.37
C GLN B 247 30.53 -3.43 7.41
N GLU B 248 30.84 -2.16 7.11
CA GLU B 248 31.78 -1.37 7.90
C GLU B 248 31.20 -0.12 8.57
N ALA B 249 29.95 0.26 8.28
CA ALA B 249 29.42 1.52 8.80
C ALA B 249 29.35 1.48 10.32
N PRO B 250 29.71 2.56 11.00
CA PRO B 250 29.53 2.60 12.46
C PRO B 250 28.08 2.82 12.84
N ALA B 251 27.74 2.34 14.03
CA ALA B 251 26.47 2.67 14.64
C ALA B 251 26.56 2.34 16.13
N LEU B 252 25.61 2.87 16.90
CA LEU B 252 25.53 2.54 18.31
C LEU B 252 24.78 1.23 18.55
N LEU B 253 24.43 0.52 17.48
CA LEU B 253 23.90 -0.83 17.53
C LEU B 253 24.89 -1.77 16.85
N ASP B 254 24.80 -3.06 17.19
CA ASP B 254 25.66 -4.05 16.55
C ASP B 254 25.32 -4.22 15.07
N ASN B 255 24.04 -4.50 14.79
CA ASN B 255 23.55 -4.76 13.43
C ASN B 255 22.46 -3.74 13.12
N PRO B 256 22.84 -2.54 12.69
CA PRO B 256 21.86 -1.52 12.34
C PRO B 256 21.25 -1.77 10.97
N GLY B 257 20.08 -1.16 10.76
CA GLY B 257 19.49 -1.14 9.45
C GLY B 257 20.12 -0.09 8.55
N PHE B 258 19.67 -0.06 7.29
CA PHE B 258 20.17 0.92 6.33
C PHE B 258 19.02 1.40 5.45
N LEU B 259 19.19 2.62 4.94
CA LEU B 259 18.28 3.18 3.93
C LEU B 259 19.09 3.43 2.68
N VAL B 260 18.67 2.82 1.57
CA VAL B 260 19.36 2.97 0.29
C VAL B 260 18.47 3.80 -0.64
N GLY B 261 19.07 4.83 -1.24
CA GLY B 261 18.41 5.62 -2.28
C GLY B 261 19.02 5.28 -3.62
N TRP B 262 18.15 5.01 -4.58
CA TRP B 262 18.51 4.64 -5.94
C TRP B 262 18.19 5.85 -6.81
N SER B 263 19.23 6.60 -7.18
CA SER B 263 19.08 7.85 -7.90
C SER B 263 19.26 7.63 -9.40
N PHE B 264 18.46 8.35 -10.18
CA PHE B 264 18.49 8.26 -11.63
C PHE B 264 18.32 9.63 -12.24
N GLY B 265 19.10 9.90 -13.29
CA GLY B 265 19.06 11.16 -14.00
C GLY B 265 19.51 10.99 -15.43
N PRO B 266 19.81 12.12 -16.10
CA PRO B 266 20.10 12.05 -17.55
C PRO B 266 21.30 11.20 -17.93
N ASP B 267 22.40 11.27 -17.18
CA ASP B 267 23.74 10.85 -17.60
C ASP B 267 24.27 11.71 -18.74
N LYS B 270 25.62 12.18 -15.27
CA LYS B 270 25.35 12.49 -13.86
C LYS B 270 23.88 12.22 -13.51
N GLY B 271 23.59 12.11 -12.20
CA GLY B 271 22.24 11.91 -11.72
C GLY B 271 21.92 10.48 -11.29
N THR B 272 22.63 9.49 -11.83
CA THR B 272 22.36 8.07 -11.63
C THR B 272 23.42 7.49 -10.70
N TYR B 273 23.04 7.19 -9.46
CA TYR B 273 24.02 6.74 -8.47
C TYR B 273 23.30 6.12 -7.28
N ILE B 274 24.06 5.65 -6.30
CA ILE B 274 23.48 5.04 -5.11
C ILE B 274 23.86 5.87 -3.89
N LYS B 275 22.96 5.85 -2.91
CA LYS B 275 23.14 6.53 -1.63
C LYS B 275 22.79 5.54 -0.52
N ILE B 276 23.59 5.50 0.54
CA ILE B 276 23.27 4.57 1.63
C ILE B 276 23.52 5.25 2.98
N ASP B 277 22.52 5.16 3.86
CA ASP B 277 22.52 5.74 5.20
C ASP B 277 22.50 4.62 6.22
N VAL B 278 23.35 4.73 7.25
CA VAL B 278 23.33 3.79 8.36
C VAL B 278 22.45 4.35 9.47
N ASP B 279 21.59 3.49 10.01
CA ASP B 279 20.67 3.86 11.09
C ASP B 279 21.46 3.85 12.40
N TYR B 280 22.14 4.99 12.65
CA TYR B 280 23.16 5.07 13.70
C TYR B 280 22.61 4.70 15.07
N HIS B 281 21.40 5.17 15.40
CA HIS B 281 20.77 4.91 16.69
C HIS B 281 19.68 3.85 16.63
N GLY B 282 19.36 3.33 15.44
CA GLY B 282 18.27 2.38 15.30
C GLY B 282 16.89 2.99 15.18
N LEU B 283 16.79 4.32 15.09
CA LEU B 283 15.49 5.00 15.05
C LEU B 283 14.97 5.23 13.64
N VAL B 284 15.86 5.33 12.65
CA VAL B 284 15.47 5.80 11.33
C VAL B 284 14.66 4.73 10.59
N VAL B 285 15.10 3.48 10.63
CA VAL B 285 14.41 2.44 9.86
C VAL B 285 13.00 2.18 10.38
N PRO B 286 12.79 2.09 11.70
CA PRO B 286 11.40 2.01 12.18
C PRO B 286 10.59 3.24 11.82
N SER B 287 11.23 4.42 11.85
CA SER B 287 10.54 5.65 11.46
C SER B 287 10.09 5.58 10.00
N PHE B 288 10.96 5.09 9.11
CA PHE B 288 10.65 4.94 7.70
C PHE B 288 9.43 4.04 7.50
N PHE B 289 9.53 2.81 8.03
CA PHE B 289 8.41 1.88 7.90
C PHE B 289 7.12 2.50 8.43
N HIS B 290 7.18 3.13 9.61
CA HIS B 290 6.00 3.71 10.22
C HIS B 290 5.42 4.85 9.39
N MET B 291 6.26 5.71 8.84
CA MET B 291 5.73 6.82 8.05
C MET B 291 5.15 6.32 6.73
N HIS B 292 5.48 5.10 6.31
CA HIS B 292 4.85 4.53 5.13
C HIS B 292 3.84 3.42 5.46
N ASN B 293 3.34 3.37 6.70
CA ASN B 293 2.28 2.42 7.09
C ASN B 293 2.68 0.97 6.83
N LEU B 294 3.95 0.68 6.93
CA LEU B 294 4.35 -0.71 6.77
C LEU B 294 4.77 -1.28 8.12
N PRO B 295 4.54 -2.57 8.34
CA PRO B 295 4.91 -3.15 9.63
C PRO B 295 6.42 -3.23 9.80
N LEU B 296 6.89 -2.84 10.97
CA LEU B 296 8.32 -2.82 11.26
C LEU B 296 8.88 -4.24 11.36
#